data_3ZKY
#
_entry.id   3ZKY
#
_cell.length_a   46.705
_cell.length_b   71.290
_cell.length_c   100.920
_cell.angle_alpha   90.00
_cell.angle_beta   90.00
_cell.angle_gamma   90.00
#
_symmetry.space_group_name_H-M   'P 21 21 21'
#
loop_
_entity.id
_entity.type
_entity.pdbx_description
1 polymer 'ISOPENICILLIN N SYNTHASE'
2 non-polymer 'FE (III) ION'
3 non-polymer N-[(5S)-5-amino-5-carboxypentanoyl]-L-homocysteyl-S-methyl-D-cysteine
4 non-polymer 'SULFATE ION'
5 non-polymer GLYCEROL
6 water water
#
_entity_poly.entity_id   1
_entity_poly.type   'polypeptide(L)'
_entity_poly.pdbx_seq_one_letter_code
;MGSVSKANVPKIDVSPLFGDDQAAKMRVAQQIDAASRDTGFFYAVNHGINVQRLSQKTKEFHMSITPEEKWDLAIRAYNK
EHQDQVRAGYYLSIPGKKAVESFCYLNPNFTPDHPRIQAKTPTHEVNVWPDETKHPGFQDFAEQYYWDVFGLSSALLKGY
ALALGKEENFFARHFKPDDTLASVVLIRYPYLDPYPEAAIKTAADGTKLSFEWHEDVSLITVLYQSNVQNLQVETAAGYQ
DIEADDTGYLINCGSYMAHLTNNYYKAPIHRVKWVNAERQSLPFFVNLGYDSVIDPFDPREPNGKSDREPLSYGDYLQNG
LVSLINKNGQT
;
_entity_poly.pdbx_strand_id   A
#
# COMPACT_ATOMS: atom_id res chain seq x y z
N SER A 3 14.32 3.65 -25.26
CA SER A 3 14.01 2.94 -23.99
C SER A 3 14.38 3.70 -22.71
N VAL A 4 14.03 3.12 -21.58
CA VAL A 4 13.63 3.89 -20.45
C VAL A 4 14.75 3.90 -19.37
N SER A 5 15.11 5.02 -18.74
CA SER A 5 16.18 4.97 -17.72
C SER A 5 15.76 4.31 -16.39
N LYS A 6 16.72 3.74 -15.65
CA LYS A 6 16.45 3.17 -14.30
C LYS A 6 16.26 4.29 -13.27
N ALA A 7 15.20 4.18 -12.48
CA ALA A 7 14.99 5.13 -11.39
C ALA A 7 16.00 4.88 -10.22
N ASN A 8 16.41 5.96 -9.56
CA ASN A 8 17.20 5.84 -8.34
CA ASN A 8 17.18 5.90 -8.30
C ASN A 8 16.29 5.46 -7.19
N VAL A 9 16.44 4.21 -6.77
CA VAL A 9 15.68 3.71 -5.67
C VAL A 9 16.72 3.06 -4.73
N PRO A 10 17.16 3.80 -3.74
CA PRO A 10 18.21 3.25 -2.84
C PRO A 10 17.73 2.14 -1.94
N LYS A 11 18.61 1.29 -1.51
CA LYS A 11 18.30 0.28 -0.50
C LYS A 11 18.72 0.84 0.82
N ILE A 12 17.84 1.01 1.77
CA ILE A 12 18.08 1.61 3.08
C ILE A 12 17.91 0.51 4.13
N ASP A 13 18.96 0.22 4.91
CA ASP A 13 18.90 -0.67 6.07
C ASP A 13 18.13 0.01 7.15
N VAL A 14 16.92 -0.47 7.37
CA VAL A 14 16.00 0.18 8.37
C VAL A 14 16.12 -0.45 9.75
N SER A 15 16.98 -1.43 9.92
CA SER A 15 17.03 -2.13 11.20
C SER A 15 17.32 -1.18 12.42
N PRO A 16 18.08 -0.06 12.27
CA PRO A 16 18.18 0.81 13.47
C PRO A 16 16.87 1.41 13.97
N LEU A 17 15.85 1.45 13.11
CA LEU A 17 14.57 2.04 13.54
C LEU A 17 13.81 1.14 14.52
N PHE A 18 14.28 -0.11 14.66
CA PHE A 18 13.69 -1.00 15.66
C PHE A 18 14.40 -0.89 16.99
N GLY A 19 15.53 -0.18 17.07
CA GLY A 19 16.38 -0.21 18.31
C GLY A 19 16.41 1.12 19.02
N ASP A 20 17.43 1.29 19.87
CA ASP A 20 17.53 2.46 20.73
CA ASP A 20 17.53 2.45 20.75
C ASP A 20 18.80 3.28 20.51
N ASP A 21 19.41 3.15 19.34
CA ASP A 21 20.61 3.92 19.02
C ASP A 21 20.13 5.15 18.21
N GLN A 22 20.01 6.24 18.93
CA GLN A 22 19.36 7.44 18.32
C GLN A 22 20.13 8.06 17.16
N ALA A 23 21.47 8.16 17.24
CA ALA A 23 22.27 8.62 16.13
C ALA A 23 22.13 7.77 14.88
N ALA A 24 22.13 6.42 15.09
CA ALA A 24 21.95 5.56 13.99
C ALA A 24 20.58 5.75 13.36
N LYS A 25 19.54 5.97 14.20
CA LYS A 25 18.22 6.26 13.65
C LYS A 25 18.23 7.59 12.84
N MET A 26 18.94 8.62 13.29
CA MET A 26 19.04 9.80 12.48
C MET A 26 19.75 9.59 11.12
N ARG A 27 20.75 8.72 11.09
CA ARG A 27 21.37 8.46 9.78
C ARG A 27 20.43 7.68 8.83
N VAL A 28 19.54 6.82 9.37
CA VAL A 28 18.53 6.25 8.50
C VAL A 28 17.50 7.31 8.05
N ALA A 29 17.08 8.21 9.00
CA ALA A 29 16.15 9.25 8.64
C ALA A 29 16.72 10.17 7.51
N GLN A 30 18.02 10.44 7.55
CA GLN A 30 18.58 11.22 6.43
C GLN A 30 18.42 10.51 5.10
N GLN A 31 18.62 9.18 5.11
CA GLN A 31 18.45 8.44 3.82
C GLN A 31 17.00 8.48 3.37
N ILE A 32 16.07 8.36 4.30
CA ILE A 32 14.63 8.48 3.94
C ILE A 32 14.34 9.86 3.40
N ASP A 33 14.90 10.91 4.01
CA ASP A 33 14.68 12.27 3.53
C ASP A 33 15.20 12.41 2.11
N ALA A 34 16.42 11.91 1.86
CA ALA A 34 16.98 12.01 0.51
C ALA A 34 16.13 11.30 -0.51
N ALA A 35 15.74 10.07 -0.21
CA ALA A 35 14.93 9.35 -1.21
C ALA A 35 13.54 9.99 -1.39
N SER A 36 12.94 10.56 -0.33
CA SER A 36 11.65 11.19 -0.46
C SER A 36 11.71 12.46 -1.27
N ARG A 37 12.87 13.15 -1.27
CA ARG A 37 13.05 14.41 -2.02
C ARG A 37 13.45 14.11 -3.42
N ASP A 38 13.93 12.90 -3.72
CA ASP A 38 14.43 12.56 -5.10
C ASP A 38 13.26 11.84 -5.85
N THR A 39 13.31 10.51 -6.11
CA THR A 39 12.24 9.89 -6.87
C THR A 39 11.01 9.61 -6.03
N GLY A 40 11.18 9.55 -4.70
CA GLY A 40 10.08 9.24 -3.87
C GLY A 40 9.97 7.76 -3.52
N PHE A 41 10.88 6.93 -3.93
CA PHE A 41 10.84 5.52 -3.60
C PHE A 41 12.15 5.09 -2.99
N PHE A 42 12.05 4.11 -2.07
CA PHE A 42 13.26 3.39 -1.62
C PHE A 42 12.90 1.98 -1.27
N TYR A 43 13.91 1.09 -1.26
CA TYR A 43 13.68 -0.27 -0.70
C TYR A 43 14.14 -0.30 0.73
N ALA A 44 13.26 -0.74 1.62
CA ALA A 44 13.63 -1.09 3.02
C ALA A 44 14.19 -2.48 3.07
N VAL A 45 15.41 -2.60 3.49
CA VAL A 45 16.06 -3.87 3.66
C VAL A 45 16.41 -4.13 5.13
N ASN A 46 16.69 -5.37 5.52
CA ASN A 46 16.91 -5.75 6.93
C ASN A 46 15.70 -5.40 7.76
N HIS A 47 14.55 -5.69 7.15
CA HIS A 47 13.23 -5.38 7.77
C HIS A 47 12.68 -6.42 8.72
N GLY A 48 13.26 -7.62 8.70
CA GLY A 48 12.86 -8.69 9.62
C GLY A 48 11.64 -9.50 9.26
N ILE A 49 10.99 -9.20 8.13
CA ILE A 49 9.80 -9.99 7.82
C ILE A 49 10.18 -11.16 6.87
N ASN A 50 9.55 -12.30 7.07
CA ASN A 50 9.75 -13.48 6.21
C ASN A 50 8.85 -13.35 4.98
N VAL A 51 9.42 -12.67 3.98
CA VAL A 51 8.63 -12.41 2.76
C VAL A 51 8.56 -13.61 1.87
N GLN A 52 9.48 -14.56 1.91
CA GLN A 52 9.35 -15.76 1.16
C GLN A 52 8.12 -16.56 1.64
N ARG A 53 7.92 -16.66 2.97
CA ARG A 53 6.78 -17.37 3.44
C ARG A 53 5.51 -16.61 3.12
N LEU A 54 5.49 -15.28 3.26
CA LEU A 54 4.34 -14.47 2.80
C LEU A 54 4.02 -14.83 1.35
N SER A 55 4.98 -14.89 0.46
CA SER A 55 4.70 -15.19 -0.92
C SER A 55 4.18 -16.57 -1.08
N GLN A 56 4.72 -17.57 -0.38
CA GLN A 56 4.24 -18.93 -0.53
C GLN A 56 2.83 -19.11 0.00
N LYS A 57 2.51 -18.51 1.16
CA LYS A 57 1.14 -18.67 1.67
C LYS A 57 0.16 -17.94 0.74
N THR A 58 0.56 -16.79 0.20
CA THR A 58 -0.36 -16.07 -0.71
C THR A 58 -0.53 -16.88 -2.00
N LYS A 59 0.52 -17.50 -2.55
CA LYS A 59 0.34 -18.31 -3.77
C LYS A 59 -0.57 -19.49 -3.49
N GLU A 60 -0.42 -20.13 -2.31
CA GLU A 60 -1.31 -21.30 -2.05
C GLU A 60 -2.77 -20.84 -1.98
N PHE A 61 -3.07 -19.66 -1.37
CA PHE A 61 -4.42 -19.10 -1.42
C PHE A 61 -4.92 -18.76 -2.85
N HIS A 62 -4.14 -17.97 -3.60
CA HIS A 62 -4.62 -17.54 -4.92
C HIS A 62 -4.86 -18.71 -5.84
N MET A 63 -4.03 -19.73 -5.72
CA MET A 63 -4.11 -20.81 -6.66
C MET A 63 -5.09 -21.84 -6.24
N SER A 64 -5.59 -21.87 -5.02
CA SER A 64 -6.56 -22.84 -4.65
C SER A 64 -7.96 -22.29 -4.50
N ILE A 65 -8.15 -20.98 -4.39
CA ILE A 65 -9.51 -20.50 -4.23
C ILE A 65 -10.35 -20.70 -5.50
N THR A 66 -11.59 -21.11 -5.32
CA THR A 66 -12.43 -21.50 -6.49
C THR A 66 -13.43 -20.42 -6.83
N PRO A 67 -14.02 -20.45 -8.03
CA PRO A 67 -15.01 -19.44 -8.42
C PRO A 67 -16.15 -19.33 -7.43
N GLU A 68 -16.56 -20.46 -6.83
CA GLU A 68 -17.65 -20.42 -5.89
C GLU A 68 -17.27 -19.56 -4.67
N GLU A 69 -16.05 -19.80 -4.17
CA GLU A 69 -15.58 -19.04 -2.99
C GLU A 69 -15.38 -17.57 -3.29
N LYS A 70 -14.94 -17.26 -4.51
CA LYS A 70 -14.79 -15.84 -4.91
C LYS A 70 -16.08 -15.11 -4.87
N TRP A 71 -17.21 -15.68 -5.39
CA TRP A 71 -18.51 -15.00 -5.24
C TRP A 71 -18.90 -14.87 -3.80
N ASP A 72 -18.59 -15.89 -2.99
CA ASP A 72 -19.02 -15.85 -1.59
C ASP A 72 -18.27 -14.81 -0.74
N LEU A 73 -17.10 -14.40 -1.25
CA LEU A 73 -16.25 -13.41 -0.54
C LEU A 73 -16.34 -12.05 -1.22
N ALA A 74 -17.06 -11.93 -2.33
CA ALA A 74 -16.90 -10.75 -3.20
C ALA A 74 -17.34 -9.45 -2.58
N ILE A 75 -16.61 -8.36 -2.88
CA ILE A 75 -17.08 -7.02 -2.50
C ILE A 75 -18.38 -6.64 -3.28
N ARG A 76 -19.02 -5.62 -2.85
CA ARG A 76 -20.34 -5.22 -3.41
C ARG A 76 -20.26 -4.86 -4.90
N ALA A 77 -19.11 -4.41 -5.41
CA ALA A 77 -19.02 -4.09 -6.85
C ALA A 77 -19.26 -5.35 -7.71
N TYR A 78 -19.03 -6.54 -7.13
CA TYR A 78 -19.23 -7.81 -7.84
C TYR A 78 -20.43 -8.57 -7.37
N ASN A 79 -20.93 -8.31 -6.19
CA ASN A 79 -22.01 -9.11 -5.61
C ASN A 79 -22.91 -8.17 -4.82
N LYS A 80 -24.06 -7.89 -5.39
CA LYS A 80 -25.03 -6.93 -4.79
C LYS A 80 -25.56 -7.41 -3.43
N GLU A 81 -25.39 -8.69 -3.09
CA GLU A 81 -25.92 -9.18 -1.79
C GLU A 81 -24.97 -8.71 -0.66
N HIS A 82 -23.78 -8.23 -0.97
CA HIS A 82 -22.81 -7.91 0.07
C HIS A 82 -22.65 -6.43 0.25
N GLN A 83 -23.74 -5.73 0.58
CA GLN A 83 -23.72 -4.29 0.67
C GLN A 83 -22.79 -3.70 1.73
N ASP A 84 -22.44 -4.46 2.74
CA ASP A 84 -21.42 -3.99 3.76
C ASP A 84 -19.96 -4.12 3.32
N GLN A 85 -19.68 -4.82 2.21
CA GLN A 85 -18.32 -5.03 1.75
C GLN A 85 -17.97 -4.03 0.72
N VAL A 86 -17.45 -2.91 1.10
CA VAL A 86 -16.99 -1.97 0.17
C VAL A 86 -15.50 -2.11 -0.07
N ARG A 87 -14.72 -2.38 1.00
CA ARG A 87 -13.24 -2.47 0.96
C ARG A 87 -12.80 -3.91 1.08
N ALA A 88 -13.28 -4.65 2.07
CA ALA A 88 -12.73 -5.96 2.42
C ALA A 88 -13.46 -7.05 1.65
N GLY A 89 -12.68 -7.98 1.10
CA GLY A 89 -13.18 -9.15 0.40
C GLY A 89 -12.48 -9.35 -0.94
N TYR A 90 -13.15 -10.13 -1.79
CA TYR A 90 -12.57 -10.56 -3.04
C TYR A 90 -12.94 -9.65 -4.20
N TYR A 91 -11.97 -9.31 -5.05
CA TYR A 91 -12.15 -8.45 -6.24
C TYR A 91 -11.86 -9.36 -7.44
N LEU A 92 -12.94 -9.75 -8.15
CA LEU A 92 -12.82 -10.81 -9.16
C LEU A 92 -12.20 -10.29 -10.44
N SER A 93 -11.53 -11.21 -11.12
CA SER A 93 -11.13 -10.94 -12.50
C SER A 93 -12.36 -11.11 -13.38
N ILE A 94 -12.23 -10.65 -14.61
CA ILE A 94 -13.30 -10.84 -15.57
C ILE A 94 -12.56 -11.42 -16.79
N PRO A 95 -12.51 -12.76 -16.99
CA PRO A 95 -11.73 -13.32 -18.06
C PRO A 95 -12.11 -12.69 -19.39
N GLY A 96 -11.13 -12.43 -20.24
CA GLY A 96 -11.39 -11.74 -21.52
C GLY A 96 -11.33 -10.21 -21.38
N LYS A 97 -11.40 -9.69 -20.15
CA LYS A 97 -11.58 -8.23 -19.93
C LYS A 97 -10.69 -7.61 -18.85
N LYS A 98 -10.57 -8.28 -17.73
CA LYS A 98 -9.88 -7.69 -16.60
C LYS A 98 -9.05 -8.82 -16.06
N ALA A 99 -7.76 -8.72 -16.06
CA ALA A 99 -6.92 -9.84 -15.68
C ALA A 99 -6.65 -9.93 -14.19
N VAL A 100 -6.42 -8.81 -13.53
CA VAL A 100 -6.02 -8.83 -12.14
C VAL A 100 -7.17 -9.23 -11.22
N GLU A 101 -6.85 -9.85 -10.10
CA GLU A 101 -7.82 -10.18 -9.06
C GLU A 101 -7.13 -10.04 -7.75
N SER A 102 -7.90 -9.82 -6.69
CA SER A 102 -7.24 -9.52 -5.40
C SER A 102 -8.14 -9.86 -4.25
N PHE A 103 -7.52 -9.93 -3.07
CA PHE A 103 -8.25 -10.11 -1.78
C PHE A 103 -7.75 -9.06 -0.79
N CYS A 104 -8.67 -8.27 -0.26
CA CYS A 104 -8.27 -7.16 0.66
C CYS A 104 -8.80 -7.51 2.04
N TYR A 105 -8.02 -7.23 3.05
CA TYR A 105 -8.51 -7.30 4.44
C TYR A 105 -7.95 -6.11 5.20
N LEU A 106 -8.67 -5.80 6.28
CA LEU A 106 -8.46 -4.62 7.13
C LEU A 106 -7.99 -5.11 8.52
N ASN A 107 -7.92 -4.12 9.44
CA ASN A 107 -7.55 -4.42 10.84
C ASN A 107 -8.34 -5.61 11.39
N PRO A 108 -7.63 -6.62 11.88
CA PRO A 108 -8.35 -7.75 12.50
C PRO A 108 -9.08 -7.35 13.77
N ASN A 109 -8.78 -6.19 14.36
CA ASN A 109 -9.54 -5.75 15.56
C ASN A 109 -10.87 -5.12 15.20
N PHE A 110 -11.17 -4.97 13.90
CA PHE A 110 -12.53 -4.52 13.55
C PHE A 110 -13.44 -5.70 13.59
N THR A 111 -13.90 -6.01 14.78
CA THR A 111 -14.82 -7.12 15.09
C THR A 111 -16.22 -6.58 15.23
N PRO A 112 -17.19 -7.49 15.31
CA PRO A 112 -18.58 -6.97 15.37
C PRO A 112 -18.86 -6.05 16.55
N ASP A 113 -18.15 -6.19 17.65
CA ASP A 113 -18.33 -5.38 18.83
C ASP A 113 -17.45 -4.10 18.83
N HIS A 114 -16.63 -3.90 17.83
CA HIS A 114 -15.82 -2.68 17.82
C HIS A 114 -16.70 -1.45 17.75
N PRO A 115 -16.43 -0.38 18.49
CA PRO A 115 -17.36 0.80 18.49
C PRO A 115 -17.53 1.39 17.09
N ARG A 116 -16.48 1.35 16.23
CA ARG A 116 -16.73 1.97 14.91
C ARG A 116 -17.54 1.07 14.01
N ILE A 117 -17.48 -0.25 14.20
CA ILE A 117 -18.33 -1.18 13.46
C ILE A 117 -19.74 -1.03 13.95
N GLN A 118 -19.96 -0.94 15.29
CA GLN A 118 -21.34 -0.75 15.81
C GLN A 118 -21.90 0.53 15.24
N ALA A 119 -21.10 1.60 15.10
CA ALA A 119 -21.66 2.89 14.62
C ALA A 119 -21.80 2.90 13.08
N LYS A 120 -21.30 1.85 12.42
CA LYS A 120 -21.34 1.82 10.94
C LYS A 120 -20.56 2.97 10.34
N THR A 121 -19.42 3.28 10.90
CA THR A 121 -18.62 4.41 10.44
C THR A 121 -18.02 4.05 9.07
N PRO A 122 -18.10 4.94 8.08
CA PRO A 122 -17.49 4.67 6.75
C PRO A 122 -15.99 4.27 6.87
N THR A 123 -15.61 3.37 5.96
CA THR A 123 -14.26 2.81 5.80
C THR A 123 -13.91 1.72 6.83
N HIS A 124 -14.76 1.46 7.82
CA HIS A 124 -14.57 0.35 8.75
C HIS A 124 -15.46 -0.82 8.39
N GLU A 125 -14.86 -2.00 8.27
CA GLU A 125 -15.65 -3.22 7.96
C GLU A 125 -15.05 -4.41 8.71
N VAL A 126 -15.86 -5.42 8.95
CA VAL A 126 -15.41 -6.69 9.49
C VAL A 126 -14.86 -7.52 8.33
N ASN A 127 -13.64 -8.04 8.48
CA ASN A 127 -13.12 -8.90 7.45
C ASN A 127 -13.93 -10.12 7.19
N VAL A 128 -13.84 -10.57 5.93
CA VAL A 128 -14.45 -11.85 5.49
C VAL A 128 -13.34 -12.77 5.11
N TRP A 129 -13.51 -14.07 5.40
CA TRP A 129 -12.48 -15.10 5.20
C TRP A 129 -13.05 -16.34 4.55
N PRO A 130 -12.22 -17.05 3.77
CA PRO A 130 -12.68 -18.34 3.21
C PRO A 130 -12.84 -19.39 4.28
N ASP A 131 -13.46 -20.49 3.93
CA ASP A 131 -13.64 -21.56 4.90
C ASP A 131 -12.27 -22.09 5.39
N GLU A 132 -12.16 -22.28 6.70
CA GLU A 132 -10.91 -22.76 7.29
C GLU A 132 -10.55 -24.16 6.77
N THR A 133 -11.52 -25.06 6.52
CA THR A 133 -11.18 -26.43 6.06
C THR A 133 -10.63 -26.43 4.62
N LYS A 134 -11.04 -25.47 3.81
CA LYS A 134 -10.55 -25.35 2.46
C LYS A 134 -9.21 -24.62 2.39
N HIS A 135 -8.97 -23.72 3.36
CA HIS A 135 -7.69 -22.92 3.34
C HIS A 135 -7.07 -22.99 4.72
N PRO A 136 -6.62 -24.16 5.14
CA PRO A 136 -6.16 -24.29 6.56
C PRO A 136 -5.02 -23.34 6.82
N GLY A 137 -5.12 -22.66 7.95
CA GLY A 137 -4.04 -21.75 8.42
C GLY A 137 -4.01 -20.39 7.72
N PHE A 138 -4.82 -20.17 6.69
CA PHE A 138 -4.71 -18.94 5.93
C PHE A 138 -5.15 -17.73 6.74
N GLN A 139 -6.29 -17.73 7.37
CA GLN A 139 -6.75 -16.58 8.14
C GLN A 139 -5.69 -16.27 9.24
N ASP A 140 -5.21 -17.28 9.94
CA ASP A 140 -4.21 -17.02 11.05
C ASP A 140 -2.95 -16.45 10.45
N PHE A 141 -2.50 -17.00 9.34
CA PHE A 141 -1.31 -16.45 8.72
C PHE A 141 -1.51 -14.99 8.31
N ALA A 142 -2.64 -14.70 7.68
CA ALA A 142 -2.86 -13.35 7.16
C ALA A 142 -3.04 -12.34 8.28
N GLU A 143 -3.69 -12.72 9.39
CA GLU A 143 -3.82 -11.77 10.49
C GLU A 143 -2.47 -11.54 11.16
N GLN A 144 -1.65 -12.59 11.29
CA GLN A 144 -0.32 -12.39 11.83
C GLN A 144 0.55 -11.51 10.88
N TYR A 145 0.36 -11.68 9.57
CA TYR A 145 1.10 -10.83 8.63
C TYR A 145 0.70 -9.37 8.82
N TYR A 146 -0.58 -9.08 9.02
CA TYR A 146 -1.01 -7.72 9.28
C TYR A 146 -0.19 -7.14 10.41
N TRP A 147 -0.03 -7.88 11.52
CA TRP A 147 0.70 -7.33 12.63
C TRP A 147 2.22 -7.26 12.39
N ASP A 148 2.79 -8.17 11.57
CA ASP A 148 4.22 -8.10 11.21
C ASP A 148 4.47 -6.82 10.40
N VAL A 149 3.63 -6.57 9.39
CA VAL A 149 3.87 -5.42 8.55
C VAL A 149 3.42 -4.11 9.24
N PHE A 150 2.48 -4.17 10.20
CA PHE A 150 2.20 -3.01 11.05
C PHE A 150 3.44 -2.67 11.83
N GLY A 151 4.16 -3.66 12.38
CA GLY A 151 5.36 -3.35 13.18
C GLY A 151 6.45 -2.70 12.32
N LEU A 152 6.67 -3.27 11.11
CA LEU A 152 7.63 -2.62 10.17
C LEU A 152 7.19 -1.20 9.87
N SER A 153 5.88 -0.98 9.61
CA SER A 153 5.39 0.34 9.22
C SER A 153 5.55 1.29 10.39
N SER A 154 5.32 0.87 11.63
CA SER A 154 5.55 1.78 12.76
C SER A 154 6.98 2.19 12.81
N ALA A 155 7.95 1.28 12.58
CA ALA A 155 9.36 1.66 12.58
C ALA A 155 9.64 2.64 11.45
N LEU A 156 9.08 2.41 10.25
CA LEU A 156 9.31 3.34 9.12
C LEU A 156 8.74 4.71 9.46
N LEU A 157 7.58 4.80 10.12
CA LEU A 157 7.01 6.08 10.49
C LEU A 157 7.84 6.83 11.50
N LYS A 158 8.60 6.12 12.34
CA LYS A 158 9.58 6.78 13.20
C LYS A 158 10.65 7.41 12.34
N GLY A 159 11.12 6.70 11.31
CA GLY A 159 12.15 7.28 10.39
C GLY A 159 11.64 8.50 9.62
N TYR A 160 10.42 8.46 9.14
CA TYR A 160 9.86 9.64 8.46
C TYR A 160 9.70 10.88 9.39
N ALA A 161 9.23 10.61 10.60
CA ALA A 161 9.11 11.67 11.57
C ALA A 161 10.47 12.35 11.86
N LEU A 162 11.46 11.53 12.13
CA LEU A 162 12.80 12.11 12.39
C LEU A 162 13.28 12.83 11.15
N ALA A 163 13.05 12.29 9.95
CA ALA A 163 13.49 12.94 8.68
C ALA A 163 12.87 14.35 8.56
N LEU A 164 11.66 14.56 9.09
CA LEU A 164 10.97 15.85 8.91
C LEU A 164 11.29 16.78 10.06
N GLY A 165 12.19 16.42 10.95
CA GLY A 165 12.53 17.36 12.06
C GLY A 165 11.60 17.18 13.25
N LYS A 166 10.84 16.07 13.35
CA LYS A 166 9.86 15.90 14.44
C LYS A 166 10.34 14.83 15.40
N GLU A 167 9.70 14.67 16.55
CA GLU A 167 9.98 13.55 17.48
C GLU A 167 9.50 12.24 16.82
N GLU A 168 10.14 11.13 17.24
CA GLU A 168 9.93 9.92 16.44
C GLU A 168 8.53 9.41 16.50
N ASN A 169 7.70 9.76 17.52
CA ASN A 169 6.29 9.33 17.53
C ASN A 169 5.31 10.27 16.83
N PHE A 170 5.80 11.20 16.00
CA PHE A 170 4.91 12.20 15.43
C PHE A 170 3.76 11.63 14.55
N PHE A 171 4.12 10.60 13.72
CA PHE A 171 3.07 9.86 12.98
C PHE A 171 2.61 8.65 13.74
N ALA A 172 3.55 7.91 14.35
CA ALA A 172 3.24 6.62 15.00
C ALA A 172 2.18 6.71 16.07
N ARG A 173 2.14 7.83 16.80
CA ARG A 173 1.10 7.99 17.82
C ARG A 173 -0.33 7.97 17.29
N HIS A 174 -0.51 8.15 15.99
CA HIS A 174 -1.83 8.09 15.34
C HIS A 174 -2.04 6.77 14.62
N PHE A 175 -1.09 5.86 14.73
CA PHE A 175 -1.11 4.56 14.04
C PHE A 175 -1.17 3.46 15.07
N LYS A 176 -2.39 3.04 15.39
CA LYS A 176 -2.55 2.25 16.61
C LYS A 176 -3.32 0.97 16.28
N PRO A 177 -3.02 -0.14 16.96
CA PRO A 177 -3.70 -1.39 16.62
C PRO A 177 -5.18 -1.35 16.80
N ASP A 178 -5.72 -0.60 17.78
CA ASP A 178 -7.18 -0.68 17.97
C ASP A 178 -7.94 0.06 16.91
N ASP A 179 -7.32 0.95 16.11
CA ASP A 179 -8.12 1.81 15.25
C ASP A 179 -7.56 2.05 13.83
N THR A 180 -6.35 1.52 13.50
CA THR A 180 -5.84 1.88 12.18
C THR A 180 -6.75 1.39 11.06
N LEU A 181 -6.87 2.25 10.06
CA LEU A 181 -7.61 1.98 8.80
C LEU A 181 -6.72 1.31 7.74
N ALA A 182 -5.53 0.89 8.13
CA ALA A 182 -4.59 0.24 7.17
C ALA A 182 -5.20 -1.04 6.56
N SER A 183 -4.79 -1.30 5.31
CA SER A 183 -5.30 -2.49 4.60
C SER A 183 -4.10 -3.26 4.01
N VAL A 184 -4.32 -4.57 3.92
CA VAL A 184 -3.48 -5.44 3.11
C VAL A 184 -4.26 -5.84 1.88
N VAL A 185 -3.60 -5.80 0.73
CA VAL A 185 -4.23 -6.31 -0.49
C VAL A 185 -3.32 -7.38 -1.08
N LEU A 186 -3.89 -8.56 -1.31
CA LEU A 186 -3.12 -9.66 -1.96
C LEU A 186 -3.53 -9.73 -3.43
N ILE A 187 -2.73 -9.07 -4.26
CA ILE A 187 -3.07 -8.96 -5.70
C ILE A 187 -2.34 -10.03 -6.53
N ARG A 188 -3.13 -10.72 -7.33
CA ARG A 188 -2.65 -11.71 -8.29
C ARG A 188 -2.68 -11.06 -9.67
N TYR A 189 -1.50 -11.00 -10.32
CA TYR A 189 -1.46 -10.66 -11.77
C TYR A 189 -1.15 -11.96 -12.48
N PRO A 190 -1.99 -12.44 -13.36
CA PRO A 190 -1.86 -13.76 -13.97
C PRO A 190 -0.97 -13.75 -15.22
N TYR A 191 -0.38 -14.93 -15.47
CA TYR A 191 0.07 -15.26 -16.87
C TYR A 191 -1.15 -15.74 -17.67
N LEU A 192 -1.38 -15.19 -18.85
CA LEU A 192 -2.49 -15.62 -19.73
C LEU A 192 -2.02 -15.79 -21.13
N ASP A 193 -2.42 -16.89 -21.77
CA ASP A 193 -2.04 -17.14 -23.16
C ASP A 193 -3.29 -17.61 -23.91
N PRO A 194 -3.89 -16.73 -24.71
CA PRO A 194 -3.46 -15.37 -25.09
C PRO A 194 -3.91 -14.35 -24.02
N TYR A 195 -3.22 -13.24 -23.99
CA TYR A 195 -3.54 -12.18 -23.02
C TYR A 195 -4.55 -11.24 -23.64
N PRO A 196 -5.71 -11.06 -23.06
CA PRO A 196 -6.69 -10.23 -23.83
C PRO A 196 -6.31 -8.73 -23.82
N GLU A 197 -6.39 -8.22 -25.04
CA GLU A 197 -6.09 -6.82 -25.31
C GLU A 197 -6.98 -5.91 -24.45
N ALA A 198 -8.24 -6.30 -24.24
CA ALA A 198 -9.06 -5.47 -23.37
C ALA A 198 -8.59 -5.29 -21.97
N ALA A 199 -7.68 -6.17 -21.49
CA ALA A 199 -7.14 -6.01 -20.14
C ALA A 199 -5.84 -5.26 -20.11
N ILE A 200 -5.45 -4.75 -21.26
CA ILE A 200 -4.18 -3.99 -21.41
C ILE A 200 -4.55 -2.56 -21.74
N LYS A 201 -4.05 -1.62 -20.97
CA LYS A 201 -4.23 -0.23 -21.22
C LYS A 201 -3.02 0.31 -21.94
N THR A 202 -3.18 1.47 -22.58
CA THR A 202 -2.04 2.05 -23.30
C THR A 202 -1.82 3.50 -22.81
N ALA A 203 -0.62 3.83 -22.35
CA ALA A 203 -0.29 5.18 -21.89
C ALA A 203 -0.12 6.13 -23.06
N ALA A 204 -0.14 7.42 -22.78
CA ALA A 204 -0.02 8.39 -23.90
C ALA A 204 1.31 8.22 -24.63
N ASP A 205 2.35 7.78 -23.92
CA ASP A 205 3.65 7.48 -24.53
C ASP A 205 3.75 6.10 -25.18
N GLY A 206 2.66 5.33 -25.23
CA GLY A 206 2.66 4.08 -25.93
C GLY A 206 2.97 2.88 -25.04
N THR A 207 3.33 3.13 -23.79
CA THR A 207 3.63 2.00 -22.89
C THR A 207 2.40 1.22 -22.57
N LYS A 208 2.49 -0.10 -22.71
CA LYS A 208 1.41 -1.00 -22.29
C LYS A 208 1.35 -1.15 -20.77
N LEU A 209 0.16 -0.93 -20.23
CA LEU A 209 -0.05 -0.88 -18.76
C LEU A 209 -1.07 -1.82 -18.24
N SER A 210 -0.88 -2.26 -17.01
CA SER A 210 -2.00 -2.91 -16.31
C SER A 210 -2.73 -1.94 -15.42
N PHE A 211 -2.10 -0.87 -14.94
CA PHE A 211 -2.82 0.17 -14.09
C PHE A 211 -2.18 1.49 -14.41
N GLU A 212 -3.02 2.45 -14.64
CA GLU A 212 -2.62 3.81 -15.05
C GLU A 212 -1.97 4.63 -13.92
N TRP A 213 -1.45 5.76 -14.32
CA TRP A 213 -0.76 6.69 -13.37
C TRP A 213 -1.68 7.09 -12.24
N HIS A 214 -1.07 7.20 -11.07
CA HIS A 214 -1.80 7.62 -9.88
C HIS A 214 -0.82 7.99 -8.81
N GLU A 215 -1.35 8.69 -7.81
CA GLU A 215 -0.73 8.80 -6.46
C GLU A 215 -1.46 7.86 -5.51
N ASP A 216 -0.75 7.31 -4.57
CA ASP A 216 -1.42 6.42 -3.58
C ASP A 216 -2.27 7.17 -2.58
N VAL A 217 -3.38 6.51 -2.19
CA VAL A 217 -4.23 7.00 -1.08
C VAL A 217 -3.72 6.29 0.17
N SER A 218 -2.81 6.97 0.86
CA SER A 218 -2.13 6.42 2.02
C SER A 218 -1.30 7.53 2.65
N LEU A 219 -0.85 7.26 3.85
CA LEU A 219 0.28 8.04 4.46
C LEU A 219 1.58 7.59 3.83
N ILE A 220 1.90 6.31 3.98
CA ILE A 220 2.94 5.62 3.18
C ILE A 220 2.40 4.29 2.74
N THR A 221 3.05 3.73 1.73
CA THR A 221 2.70 2.38 1.21
C THR A 221 3.97 1.51 1.33
N VAL A 222 3.71 0.28 1.81
CA VAL A 222 4.80 -0.64 2.20
C VAL A 222 4.50 -1.93 1.39
N LEU A 223 5.28 -2.11 0.30
CA LEU A 223 4.90 -3.08 -0.77
C LEU A 223 5.86 -4.20 -0.93
N TYR A 224 5.37 -5.44 -0.91
CA TYR A 224 6.20 -6.57 -1.37
CA TYR A 224 6.17 -6.59 -1.39
C TYR A 224 5.71 -6.93 -2.79
N GLN A 225 6.62 -7.17 -3.70
CA GLN A 225 6.31 -7.71 -5.05
C GLN A 225 7.23 -8.80 -5.44
N SER A 226 6.74 -9.70 -6.30
CA SER A 226 7.63 -10.66 -6.95
C SER A 226 8.78 -10.03 -7.69
N ASN A 227 9.76 -10.86 -8.09
CA ASN A 227 10.95 -10.40 -8.80
C ASN A 227 10.70 -10.33 -10.32
N VAL A 228 9.73 -9.52 -10.71
CA VAL A 228 9.37 -9.28 -12.13
C VAL A 228 9.27 -7.79 -12.20
N GLN A 229 10.12 -7.17 -13.01
CA GLN A 229 10.06 -5.67 -13.10
C GLN A 229 8.74 -5.22 -13.73
N ASN A 230 8.15 -4.15 -13.15
CA ASN A 230 6.87 -3.67 -13.74
C ASN A 230 6.58 -2.25 -13.38
N LEU A 231 7.05 -1.71 -12.27
CA LEU A 231 6.65 -0.35 -11.84
C LEU A 231 7.50 0.70 -12.53
N GLN A 232 6.83 1.84 -12.73
CA GLN A 232 7.53 3.05 -13.23
C GLN A 232 7.09 4.24 -12.41
N VAL A 233 8.02 5.17 -12.24
CA VAL A 233 7.83 6.42 -11.51
C VAL A 233 8.05 7.60 -12.44
N GLU A 234 7.16 8.60 -12.39
CA GLU A 234 7.33 9.84 -13.15
C GLU A 234 8.33 10.69 -12.36
N THR A 235 9.37 11.12 -13.07
CA THR A 235 10.33 12.09 -12.55
C THR A 235 10.42 13.25 -13.54
N ALA A 236 11.21 14.27 -13.20
CA ALA A 236 11.45 15.40 -14.15
C ALA A 236 12.05 14.93 -15.50
N ALA A 237 12.79 13.81 -15.48
CA ALA A 237 13.36 13.21 -16.69
C ALA A 237 12.45 12.17 -17.33
N GLY A 238 11.18 12.13 -16.92
CA GLY A 238 10.19 11.26 -17.57
C GLY A 238 9.90 10.04 -16.70
N TYR A 239 9.17 9.08 -17.27
CA TYR A 239 8.92 7.85 -16.52
C TYR A 239 10.20 7.02 -16.47
N GLN A 240 10.54 6.47 -15.30
CA GLN A 240 11.71 5.62 -15.16
C GLN A 240 11.33 4.29 -14.50
N ASP A 241 12.06 3.22 -14.82
CA ASP A 241 11.73 1.91 -14.30
C ASP A 241 12.30 1.70 -12.88
N ILE A 242 11.42 1.22 -12.01
CA ILE A 242 11.80 0.78 -10.68
C ILE A 242 12.24 -0.68 -10.72
N GLU A 243 13.50 -0.95 -10.41
CA GLU A 243 13.94 -2.32 -10.42
CA GLU A 243 13.97 -2.33 -10.36
C GLU A 243 13.19 -3.15 -9.36
N ALA A 244 12.95 -4.42 -9.69
CA ALA A 244 12.33 -5.30 -8.73
C ALA A 244 13.40 -5.78 -7.71
N ASP A 245 12.90 -6.08 -6.50
CA ASP A 245 13.71 -6.69 -5.44
C ASP A 245 12.68 -7.43 -4.54
N ASP A 246 12.62 -8.71 -4.73
CA ASP A 246 11.73 -9.55 -3.92
C ASP A 246 12.30 -9.96 -2.54
N THR A 247 13.35 -9.29 -2.10
CA THR A 247 13.79 -9.45 -0.74
C THR A 247 13.45 -8.27 0.14
N GLY A 248 13.21 -7.10 -0.43
CA GLY A 248 12.98 -5.85 0.31
C GLY A 248 11.53 -5.42 0.14
N TYR A 249 11.17 -4.39 0.90
CA TYR A 249 9.86 -3.75 0.75
C TYR A 249 10.07 -2.42 0.02
N LEU A 250 9.28 -2.19 -1.00
CA LEU A 250 9.31 -0.87 -1.71
C LEU A 250 8.42 0.08 -0.98
N ILE A 251 8.98 1.24 -0.59
CA ILE A 251 8.26 2.23 0.23
C ILE A 251 8.09 3.47 -0.60
N ASN A 252 6.89 4.11 -0.47
CA ASN A 252 6.71 5.48 -1.03
C ASN A 252 5.67 6.18 -0.20
N CYS A 253 5.63 7.48 -0.32
CA CYS A 253 4.55 8.31 0.29
C CYS A 253 3.31 8.34 -0.51
N GLY A 254 2.18 8.47 0.24
CA GLY A 254 0.85 8.74 -0.37
C GLY A 254 0.50 10.20 -0.20
N SER A 255 -0.67 10.50 -0.71
CA SER A 255 -1.06 11.89 -0.79
C SER A 255 -1.35 12.50 0.57
N TYR A 256 -1.61 11.72 1.61
CA TYR A 256 -1.77 12.36 2.89
C TYR A 256 -0.44 12.89 3.38
N MET A 257 0.68 12.19 3.13
CA MET A 257 2.01 12.76 3.50
C MET A 257 2.27 14.03 2.70
N ALA A 258 1.91 14.05 1.43
CA ALA A 258 2.15 15.27 0.62
C ALA A 258 1.34 16.40 1.22
N HIS A 259 0.09 16.17 1.62
CA HIS A 259 -0.70 17.24 2.25
C HIS A 259 -0.05 17.74 3.53
N LEU A 260 0.34 16.83 4.42
CA LEU A 260 0.88 17.24 5.72
C LEU A 260 2.20 17.99 5.58
N THR A 261 2.99 17.71 4.55
CA THR A 261 4.34 18.32 4.38
C THR A 261 4.32 19.43 3.34
N ASN A 262 3.13 19.81 2.90
CA ASN A 262 2.96 20.83 1.83
C ASN A 262 3.83 20.47 0.64
N ASN A 263 3.76 19.21 0.24
CA ASN A 263 4.45 18.69 -0.91
C ASN A 263 5.92 18.70 -0.79
N TYR A 264 6.50 18.88 0.39
CA TYR A 264 7.94 18.64 0.55
C TYR A 264 8.31 17.19 0.27
N TYR A 265 7.50 16.27 0.85
CA TYR A 265 7.55 14.82 0.43
C TYR A 265 6.31 14.65 -0.44
N LYS A 266 6.58 14.65 -1.74
CA LYS A 266 5.53 14.42 -2.72
C LYS A 266 5.03 13.00 -2.71
N ALA A 267 3.76 12.79 -3.08
CA ALA A 267 3.32 11.45 -3.34
C ALA A 267 3.70 11.19 -4.80
N PRO A 268 4.66 10.28 -5.03
CA PRO A 268 5.14 10.14 -6.44
C PRO A 268 4.12 9.52 -7.34
N ILE A 269 3.97 10.05 -8.53
CA ILE A 269 3.08 9.47 -9.56
C ILE A 269 3.78 8.25 -10.15
N HIS A 270 3.05 7.13 -10.16
CA HIS A 270 3.60 5.90 -10.69
C HIS A 270 2.54 5.08 -11.35
N ARG A 271 2.99 4.07 -12.10
CA ARG A 271 2.02 3.24 -12.90
C ARG A 271 2.63 1.84 -13.01
N VAL A 272 1.80 0.92 -13.44
CA VAL A 272 2.14 -0.53 -13.48
C VAL A 272 2.17 -0.97 -14.94
N LYS A 273 3.36 -1.27 -15.46
CA LYS A 273 3.46 -1.82 -16.83
C LYS A 273 2.81 -3.21 -16.93
N TRP A 274 2.22 -3.44 -18.11
CA TRP A 274 1.76 -4.76 -18.48
C TRP A 274 2.96 -5.68 -18.66
N VAL A 275 2.90 -6.80 -17.95
CA VAL A 275 3.92 -7.88 -18.15
C VAL A 275 3.10 -9.17 -18.13
N ASN A 276 3.32 -10.05 -19.13
CA ASN A 276 2.58 -11.34 -19.14
C ASN A 276 3.36 -12.36 -18.32
N ALA A 277 3.14 -12.30 -17.01
CA ALA A 277 3.84 -13.12 -16.01
C ALA A 277 2.93 -13.34 -14.82
N GLU A 278 2.97 -14.52 -14.27
CA GLU A 278 2.27 -14.87 -13.01
C GLU A 278 3.04 -14.26 -11.84
N ARG A 279 2.51 -13.26 -11.17
CA ARG A 279 3.24 -12.56 -10.12
C ARG A 279 2.30 -12.00 -9.09
N GLN A 280 2.91 -11.47 -8.03
CA GLN A 280 2.19 -10.95 -6.83
C GLN A 280 2.53 -9.58 -6.55
N SER A 281 1.57 -8.77 -6.19
CA SER A 281 1.78 -7.38 -5.68
C SER A 281 1.02 -7.34 -4.34
N LEU A 282 1.69 -7.18 -3.22
CA LEU A 282 1.08 -7.33 -1.84
C LEU A 282 1.34 -6.00 -1.07
N PRO A 283 0.60 -4.96 -1.36
CA PRO A 283 0.75 -3.71 -0.65
C PRO A 283 0.08 -3.71 0.72
N PHE A 284 0.71 -2.98 1.64
CA PHE A 284 0.09 -2.55 2.94
C PHE A 284 0.00 -1.05 2.83
N PHE A 285 -1.23 -0.56 2.87
CA PHE A 285 -1.46 0.91 2.87
C PHE A 285 -1.55 1.37 4.29
N VAL A 286 -0.57 2.19 4.65
CA VAL A 286 -0.49 2.71 6.06
C VAL A 286 -1.45 3.87 6.15
N ASN A 287 -2.57 3.60 6.81
CA ASN A 287 -3.61 4.64 7.09
C ASN A 287 -3.63 4.85 8.57
N LEU A 288 -4.06 6.06 8.98
CA LEU A 288 -4.21 6.37 10.41
C LEU A 288 -5.59 6.03 10.90
N GLY A 289 -5.99 6.54 12.04
CA GLY A 289 -7.38 6.33 12.51
C GLY A 289 -8.34 7.27 11.90
N TYR A 290 -9.63 6.97 12.02
CA TYR A 290 -10.68 7.83 11.37
C TYR A 290 -10.67 9.28 11.81
N ASP A 291 -10.40 9.51 13.08
CA ASP A 291 -10.42 10.88 13.59
C ASP A 291 -9.06 11.49 13.64
N SER A 292 -7.96 10.81 13.24
CA SER A 292 -6.63 11.32 13.29
C SER A 292 -6.45 12.58 12.42
N VAL A 293 -5.94 13.64 13.06
CA VAL A 293 -5.68 14.88 12.31
C VAL A 293 -4.29 15.29 12.73
N ILE A 294 -3.46 15.47 11.71
CA ILE A 294 -2.19 16.06 11.94
C ILE A 294 -2.11 17.46 11.34
N ASP A 295 -1.75 18.47 12.11
CA ASP A 295 -1.69 19.80 11.56
C ASP A 295 -0.64 19.92 10.47
N PRO A 296 -1.08 20.41 9.28
CA PRO A 296 -0.08 20.52 8.21
C PRO A 296 1.02 21.49 8.47
N PHE A 297 2.22 21.25 7.94
CA PHE A 297 3.35 22.06 8.20
C PHE A 297 4.18 22.12 6.94
N ASP A 298 5.22 22.91 6.94
CA ASP A 298 6.10 23.06 5.76
C ASP A 298 7.54 23.11 6.22
N PRO A 299 8.33 22.04 6.09
CA PRO A 299 9.77 21.99 6.49
C PRO A 299 10.76 22.78 5.63
N ARG A 300 10.24 23.40 4.56
CA ARG A 300 11.05 24.39 3.83
C ARG A 300 10.88 25.82 4.32
N GLU A 301 9.92 26.11 5.19
CA GLU A 301 9.71 27.50 5.64
C GLU A 301 10.29 27.69 7.03
N PRO A 302 10.95 28.84 7.28
CA PRO A 302 11.50 29.11 8.60
C PRO A 302 10.55 28.88 9.78
N ASN A 303 9.29 29.30 9.67
CA ASN A 303 8.37 29.15 10.83
C ASN A 303 7.58 27.84 10.79
N GLY A 304 7.84 27.02 9.75
CA GLY A 304 7.20 25.73 9.57
C GLY A 304 5.74 25.83 9.18
N LYS A 305 5.20 27.01 8.92
CA LYS A 305 3.74 27.13 8.73
C LYS A 305 3.31 26.83 7.29
N SER A 306 2.11 26.30 7.14
CA SER A 306 1.63 25.93 5.85
C SER A 306 0.28 26.61 5.58
N ASP A 307 -0.05 26.85 4.31
CA ASP A 307 -1.36 27.45 3.99
C ASP A 307 -2.40 26.37 3.61
N ARG A 308 -2.24 25.17 4.13
CA ARG A 308 -3.18 24.01 3.97
C ARG A 308 -4.12 23.85 5.20
N GLU A 309 -5.40 23.49 4.99
CA GLU A 309 -6.38 23.27 6.09
C GLU A 309 -6.11 21.83 6.69
N PRO A 310 -6.18 21.67 8.03
CA PRO A 310 -6.23 20.31 8.57
C PRO A 310 -7.31 19.45 7.98
N LEU A 311 -6.95 18.18 7.76
CA LEU A 311 -7.88 17.21 7.13
C LEU A 311 -7.85 15.94 7.92
N SER A 312 -8.99 15.49 8.44
CA SER A 312 -9.02 14.21 9.19
C SER A 312 -8.71 13.06 8.25
N TYR A 313 -8.05 12.04 8.84
CA TYR A 313 -7.71 10.91 7.97
C TYR A 313 -8.90 10.18 7.39
N GLY A 314 -9.96 10.05 8.21
CA GLY A 314 -11.20 9.45 7.69
C GLY A 314 -11.78 10.19 6.50
N ASP A 315 -11.78 11.54 6.55
CA ASP A 315 -12.29 12.34 5.41
C ASP A 315 -11.38 12.09 4.21
N TYR A 316 -10.09 12.20 4.44
CA TYR A 316 -9.13 11.94 3.37
C TYR A 316 -9.35 10.59 2.70
N LEU A 317 -9.47 9.56 3.57
CA LEU A 317 -9.50 8.17 3.02
C LEU A 317 -10.82 7.94 2.26
N GLN A 318 -11.95 8.29 2.85
CA GLN A 318 -13.21 8.07 2.13
C GLN A 318 -13.22 8.79 0.77
N ASN A 319 -12.80 10.04 0.76
CA ASN A 319 -12.81 10.79 -0.53
C ASN A 319 -11.78 10.21 -1.48
N GLY A 320 -10.60 9.78 -0.99
CA GLY A 320 -9.65 9.31 -1.92
C GLY A 320 -9.93 7.96 -2.56
N LEU A 321 -10.51 7.07 -1.81
CA LEU A 321 -10.80 5.70 -2.34
C LEU A 321 -11.84 5.82 -3.45
N VAL A 322 -12.87 6.62 -3.23
CA VAL A 322 -13.82 6.91 -4.35
C VAL A 322 -13.18 7.53 -5.56
N SER A 323 -12.35 8.56 -5.37
CA SER A 323 -11.70 9.21 -6.53
C SER A 323 -10.78 8.32 -7.32
N LEU A 324 -10.05 7.43 -6.62
CA LEU A 324 -9.14 6.57 -7.33
C LEU A 324 -9.92 5.56 -8.18
N ILE A 325 -11.05 5.05 -7.66
CA ILE A 325 -11.95 4.16 -8.47
C ILE A 325 -12.47 4.96 -9.71
N ASN A 326 -12.93 6.20 -9.45
CA ASN A 326 -13.40 6.99 -10.60
C ASN A 326 -12.33 7.21 -11.64
N LYS A 327 -11.10 7.53 -11.21
CA LYS A 327 -10.00 7.85 -12.16
C LYS A 327 -9.46 6.61 -12.91
N ASN A 328 -9.22 5.54 -12.16
CA ASN A 328 -8.48 4.40 -12.71
C ASN A 328 -9.24 3.10 -12.80
N GLY A 329 -10.53 3.13 -12.50
CA GLY A 329 -11.37 1.94 -12.65
C GLY A 329 -11.49 1.07 -11.41
N GLN A 330 -12.61 0.37 -11.30
CA GLN A 330 -12.81 -0.60 -10.22
C GLN A 330 -11.84 -1.79 -10.41
N THR A 331 -10.98 -2.01 -9.39
CA THR A 331 -9.98 -3.12 -9.37
C THR A 331 -10.65 -4.42 -9.00
#